data_4Y9G
#
_entry.id   4Y9G
#
_cell.length_a   43.009
_cell.length_b   85.199
_cell.length_c   64.462
_cell.angle_alpha   90.00
_cell.angle_beta   90.00
_cell.angle_gamma   90.00
#
_symmetry.space_group_name_H-M   'P 21 21 2'
#
loop_
_entity.id
_entity.type
_entity.pdbx_description
1 polymer Transthyretin
2 non-polymer 5,9-dihydroxy-8-methoxy-2,2-dimethyl-7-(3-methylbut-2-en-1-yl)-3,4-dihydro-2H,6H-pyrano[3,2-b]xanthen-6-one
3 water water
#
_entity_poly.entity_id   1
_entity_poly.type   'polypeptide(L)'
_entity_poly.pdbx_seq_one_letter_code
;MRGSHHHHHHGSMASHRLLLLCLAGLVFVSEAGPTGTGESKCPLMVKVLDAVRGSPAINVAMHVFRKAADDTWEPFASGK
TSESGELHGLTTEEEFVEGIYKVEIDTKSYWKALGISPFHEHAEVVFTANDSGPRRYTIAALLSPYSYSTTAVVTNPKE
;
_entity_poly.pdbx_strand_id   A,B
#
# COMPACT_ATOMS: atom_id res chain seq x y z
N CYS A 42 7.55 22.35 -6.03
CA CYS A 42 7.26 20.92 -6.28
C CYS A 42 6.76 20.30 -5.00
N PRO A 43 5.44 20.32 -4.81
CA PRO A 43 4.77 19.89 -3.58
C PRO A 43 4.58 18.36 -3.42
N LEU A 44 4.84 17.61 -4.48
CA LEU A 44 4.62 16.15 -4.45
C LEU A 44 5.70 15.53 -5.30
N MET A 45 6.55 14.70 -4.69
CA MET A 45 7.62 14.01 -5.39
C MET A 45 7.63 12.54 -4.98
N VAL A 46 7.96 11.61 -5.87
CA VAL A 46 8.00 10.18 -5.51
C VAL A 46 9.33 9.61 -5.91
N LYS A 47 9.92 8.82 -5.01
CA LYS A 47 11.26 8.24 -5.17
C LYS A 47 11.11 6.75 -4.95
N VAL A 48 11.55 5.93 -5.92
CA VAL A 48 11.37 4.47 -5.85
C VAL A 48 12.78 3.84 -5.95
N LEU A 49 13.08 2.91 -5.05
CA LEU A 49 14.35 2.16 -5.04
CA LEU A 49 14.36 2.19 -4.96
C LEU A 49 14.16 0.67 -5.14
N ASP A 50 15.00 0.02 -5.92
CA ASP A 50 15.05 -1.44 -5.98
C ASP A 50 16.02 -1.95 -4.85
N ALA A 51 15.47 -2.75 -3.90
CA ALA A 51 16.23 -3.39 -2.85
C ALA A 51 16.98 -4.68 -3.31
N VAL A 52 16.69 -5.20 -4.50
CA VAL A 52 17.43 -6.40 -5.00
C VAL A 52 18.77 -6.06 -5.70
N ARG A 53 18.79 -4.98 -6.46
CA ARG A 53 19.96 -4.53 -7.19
C ARG A 53 20.64 -3.38 -6.52
N GLY A 54 20.01 -2.80 -5.49
CA GLY A 54 20.67 -1.71 -4.84
C GLY A 54 20.75 -0.51 -5.76
N SER A 55 19.66 -0.18 -6.43
CA SER A 55 19.75 0.93 -7.36
C SER A 55 18.41 1.70 -7.30
N PRO A 56 18.36 2.86 -7.96
CA PRO A 56 17.08 3.44 -8.26
C PRO A 56 16.23 2.52 -9.09
N ALA A 57 14.93 2.54 -8.83
CA ALA A 57 14.00 1.81 -9.67
C ALA A 57 13.53 2.75 -10.79
N ILE A 58 14.05 2.50 -11.99
CA ILE A 58 13.97 3.41 -13.16
C ILE A 58 12.76 3.05 -14.02
N ASN A 59 12.04 4.05 -14.50
CA ASN A 59 10.91 3.76 -15.42
C ASN A 59 9.72 3.10 -14.74
N VAL A 60 9.59 3.30 -13.45
CA VAL A 60 8.42 2.83 -12.80
C VAL A 60 7.25 3.81 -13.02
N ALA A 61 6.16 3.29 -13.56
CA ALA A 61 4.98 4.10 -13.83
C ALA A 61 4.12 4.21 -12.57
N MET A 62 3.46 5.33 -12.46
CA MET A 62 2.48 5.51 -11.35
C MET A 62 1.40 6.51 -11.76
N HIS A 63 0.20 6.28 -11.23
CA HIS A 63 -0.93 7.15 -11.46
C HIS A 63 -1.35 7.70 -10.11
N VAL A 64 -1.69 8.98 -10.11
CA VAL A 64 -2.17 9.65 -8.92
C VAL A 64 -3.65 10.02 -9.08
N PHE A 65 -4.46 9.69 -8.06
CA PHE A 65 -5.90 10.01 -8.08
C PHE A 65 -6.24 10.89 -6.89
N ARG A 66 -7.32 11.64 -7.01
CA ARG A 66 -7.77 12.46 -5.92
C ARG A 66 -9.22 12.04 -5.73
N LYS A 67 -9.63 11.90 -4.49
CA LYS A 67 -11.02 11.52 -4.21
C LYS A 67 -12.01 12.71 -4.45
N ALA A 68 -13.00 12.48 -5.32
CA ALA A 68 -13.96 13.55 -5.66
C ALA A 68 -15.07 13.63 -4.62
N ALA A 69 -15.82 14.73 -4.66
CA ALA A 69 -16.99 14.98 -3.80
C ALA A 69 -17.94 13.77 -3.64
N ASP A 70 -18.10 13.02 -4.74
CA ASP A 70 -19.01 11.87 -4.84
C ASP A 70 -18.32 10.55 -4.51
N ASP A 71 -17.25 10.63 -3.71
CA ASP A 71 -16.52 9.44 -3.28
C ASP A 71 -15.85 8.56 -4.38
N THR A 72 -15.74 9.04 -5.61
CA THR A 72 -14.95 8.29 -6.64
C THR A 72 -13.49 8.85 -6.74
N TRP A 73 -12.54 7.99 -7.17
CA TRP A 73 -11.19 8.43 -7.49
C TRP A 73 -11.11 9.10 -8.83
N GLU A 74 -10.83 10.39 -8.81
CA GLU A 74 -10.61 11.14 -10.04
C GLU A 74 -9.12 11.08 -10.41
N PRO A 75 -8.79 10.77 -11.69
CA PRO A 75 -7.37 10.83 -12.18
C PRO A 75 -6.79 12.22 -11.93
N PHE A 76 -5.62 12.30 -11.28
CA PHE A 76 -4.98 13.61 -10.92
C PHE A 76 -3.68 13.86 -11.70
N ALA A 77 -2.80 12.88 -11.76
CA ALA A 77 -1.53 13.04 -12.53
C ALA A 77 -0.90 11.67 -12.71
N SER A 78 0.06 11.59 -13.62
CA SER A 78 0.79 10.35 -13.75
C SER A 78 2.13 10.57 -14.39
N GLY A 79 3.01 9.61 -14.22
CA GLY A 79 4.35 9.72 -14.76
C GLY A 79 5.21 8.48 -14.51
N LYS A 80 6.45 8.57 -14.97
CA LYS A 80 7.42 7.52 -14.71
C LYS A 80 8.63 8.01 -13.96
N THR A 81 9.19 7.17 -13.10
CA THR A 81 10.48 7.51 -12.45
C THR A 81 11.63 7.68 -13.48
N SER A 82 12.46 8.67 -13.23
CA SER A 82 13.67 8.90 -14.03
C SER A 82 14.79 7.95 -13.65
N GLU A 83 15.97 8.26 -14.20
CA GLU A 83 17.14 7.45 -13.98
C GLU A 83 17.58 7.60 -12.55
N SER A 84 17.10 8.62 -11.85
CA SER A 84 17.50 8.70 -10.44
C SER A 84 16.42 8.09 -9.57
N GLY A 85 15.47 7.41 -10.20
CA GLY A 85 14.37 6.73 -9.49
C GLY A 85 13.32 7.69 -9.00
N GLU A 86 13.36 8.94 -9.49
CA GLU A 86 12.45 10.01 -9.06
C GLU A 86 11.37 10.42 -10.06
N LEU A 87 10.25 10.88 -9.51
CA LEU A 87 9.23 11.50 -10.32
C LEU A 87 8.87 12.86 -9.71
N HIS A 88 9.28 13.92 -10.40
CA HIS A 88 9.05 15.34 -10.09
C HIS A 88 7.99 15.93 -11.03
N GLY A 89 7.42 17.08 -10.66
CA GLY A 89 6.49 17.78 -11.55
C GLY A 89 5.11 17.18 -11.68
N LEU A 90 4.69 16.34 -10.73
CA LEU A 90 3.36 15.75 -10.82
C LEU A 90 2.34 16.87 -10.76
N THR A 91 2.64 17.91 -10.00
CA THR A 91 1.60 18.90 -9.74
C THR A 91 2.17 20.25 -9.42
N THR A 92 1.31 21.16 -9.01
CA THR A 92 1.77 22.48 -8.59
C THR A 92 1.06 22.83 -7.31
N GLU A 93 1.59 23.84 -6.62
CA GLU A 93 1.04 24.29 -5.36
C GLU A 93 -0.43 24.73 -5.50
N GLU A 94 -0.78 25.40 -6.61
CA GLU A 94 -2.18 25.79 -6.92
C GLU A 94 -3.10 24.56 -7.10
N GLU A 95 -2.70 23.63 -7.95
CA GLU A 95 -3.58 22.49 -8.25
C GLU A 95 -3.70 21.46 -7.12
N PHE A 96 -2.68 21.40 -6.27
CA PHE A 96 -2.56 20.41 -5.20
C PHE A 96 -3.37 20.86 -3.98
N VAL A 97 -4.66 20.86 -4.18
CA VAL A 97 -5.52 21.31 -3.09
C VAL A 97 -5.66 20.25 -2.05
N GLU A 98 -6.27 20.64 -0.93
CA GLU A 98 -6.63 19.75 0.13
C GLU A 98 -7.53 18.61 -0.32
N GLY A 99 -7.27 17.43 0.21
CA GLY A 99 -8.06 16.26 -0.18
C GLY A 99 -7.35 14.96 0.12
N ILE A 100 -7.96 13.87 -0.28
CA ILE A 100 -7.42 12.55 -0.05
C ILE A 100 -6.88 12.09 -1.40
N TYR A 101 -5.61 11.69 -1.43
CA TYR A 101 -4.96 11.30 -2.68
C TYR A 101 -4.51 9.89 -2.60
N LYS A 102 -4.41 9.27 -3.76
CA LYS A 102 -3.93 7.92 -3.85
C LYS A 102 -2.86 7.87 -4.94
N VAL A 103 -1.69 7.29 -4.63
CA VAL A 103 -0.58 7.09 -5.60
C VAL A 103 -0.44 5.58 -5.75
N GLU A 104 -0.65 5.10 -6.98
CA GLU A 104 -0.60 3.70 -7.23
C GLU A 104 0.64 3.44 -8.06
N ILE A 105 1.62 2.76 -7.48
CA ILE A 105 2.93 2.52 -8.14
C ILE A 105 2.90 1.20 -8.81
N ASP A 106 3.15 1.22 -10.11
CA ASP A 106 3.02 -0.02 -10.82
C ASP A 106 4.26 -0.91 -10.68
N THR A 107 4.32 -1.59 -9.54
CA THR A 107 5.54 -2.28 -9.16
C THR A 107 5.63 -3.62 -9.91
N LYS A 108 4.48 -4.15 -10.28
CA LYS A 108 4.48 -5.48 -10.90
C LYS A 108 5.11 -5.46 -12.33
N SER A 109 4.81 -4.44 -13.14
CA SER A 109 5.41 -4.32 -14.47
C SER A 109 6.89 -4.20 -14.32
N TYR A 110 7.32 -3.43 -13.34
CA TYR A 110 8.74 -3.23 -13.08
C TYR A 110 9.50 -4.56 -12.80
N TRP A 111 9.00 -5.34 -11.83
CA TRP A 111 9.54 -6.67 -11.54
C TRP A 111 9.45 -7.61 -12.70
N LYS A 112 8.33 -7.53 -13.44
CA LYS A 112 8.07 -8.38 -14.59
C LYS A 112 9.11 -8.16 -15.71
N ALA A 113 9.39 -6.90 -16.02
CA ALA A 113 10.39 -6.51 -17.02
C ALA A 113 11.78 -6.98 -16.59
N LEU A 114 11.98 -7.23 -15.29
CA LEU A 114 13.26 -7.78 -14.84
C LEU A 114 13.27 -9.32 -14.76
N GLY A 115 12.19 -9.97 -15.20
CA GLY A 115 12.06 -11.45 -15.26
C GLY A 115 11.55 -12.09 -13.96
N ILE A 116 11.01 -11.26 -13.06
CA ILE A 116 10.61 -11.67 -11.73
C ILE A 116 9.06 -11.60 -11.61
N SER A 117 8.46 -12.63 -11.02
CA SER A 117 7.02 -12.59 -10.69
C SER A 117 6.81 -12.10 -9.28
N PRO A 118 6.40 -10.84 -9.10
CA PRO A 118 6.36 -10.40 -7.69
C PRO A 118 5.04 -10.75 -6.99
N PHE A 119 4.98 -10.54 -5.70
CA PHE A 119 3.73 -10.80 -4.98
C PHE A 119 2.65 -9.76 -5.36
N HIS A 120 2.99 -8.48 -5.19
CA HIS A 120 1.98 -7.41 -5.20
C HIS A 120 1.50 -6.97 -6.59
N GLU A 121 0.23 -6.52 -6.68
CA GLU A 121 -0.18 -5.99 -7.99
C GLU A 121 0.45 -4.59 -8.21
N HIS A 122 0.62 -3.87 -7.11
CA HIS A 122 1.16 -2.54 -7.19
C HIS A 122 1.34 -2.13 -5.74
N ALA A 123 1.91 -0.97 -5.52
CA ALA A 123 2.05 -0.45 -4.18
C ALA A 123 1.18 0.81 -4.18
N GLU A 124 0.37 1.01 -3.15
CA GLU A 124 -0.55 2.15 -3.15
C GLU A 124 -0.27 2.96 -1.90
N VAL A 125 -0.29 4.30 -2.01
CA VAL A 125 -0.15 5.20 -0.87
C VAL A 125 -1.38 6.07 -0.87
N VAL A 126 -2.17 6.05 0.18
CA VAL A 126 -3.40 6.84 0.23
C VAL A 126 -3.27 7.73 1.43
N PHE A 127 -3.52 9.03 1.25
CA PHE A 127 -3.22 9.97 2.30
C PHE A 127 -4.06 11.21 2.14
N THR A 128 -4.29 11.88 3.26
CA THR A 128 -4.86 13.23 3.21
C THR A 128 -3.75 14.25 3.09
N ALA A 129 -3.88 15.16 2.11
CA ALA A 129 -2.84 16.13 1.90
C ALA A 129 -3.37 17.54 2.26
N ASN A 130 -2.46 18.36 2.72
CA ASN A 130 -2.69 19.81 2.89
C ASN A 130 -3.85 20.22 3.80
N ASP A 131 -4.29 19.32 4.67
CA ASP A 131 -5.45 19.60 5.51
C ASP A 131 -5.19 20.71 6.56
N SER A 132 -3.92 20.97 6.93
CA SER A 132 -3.60 22.09 7.81
C SER A 132 -2.87 23.18 7.04
N GLY A 133 -3.15 23.30 5.75
CA GLY A 133 -2.41 24.20 4.92
C GLY A 133 -1.39 23.45 4.09
N PRO A 134 -0.78 24.12 3.10
CA PRO A 134 0.15 23.52 2.12
C PRO A 134 1.40 22.89 2.73
N ARG A 135 1.78 21.71 2.22
CA ARG A 135 2.99 21.00 2.64
C ARG A 135 3.76 20.50 1.40
N ARG A 136 5.03 20.13 1.54
CA ARG A 136 5.72 19.37 0.48
C ARG A 136 5.82 17.88 0.88
N TYR A 137 5.42 16.97 0.01
CA TYR A 137 5.34 15.57 0.34
C TYR A 137 6.38 14.87 -0.52
N THR A 138 7.27 14.13 0.13
CA THR A 138 8.15 13.20 -0.54
C THR A 138 7.72 11.80 -0.13
N ILE A 139 7.30 11.04 -1.13
CA ILE A 139 6.86 9.66 -0.93
C ILE A 139 8.01 8.80 -1.47
N ALA A 140 8.54 7.89 -0.65
CA ALA A 140 9.59 6.96 -0.99
C ALA A 140 9.03 5.56 -0.86
N ALA A 141 9.36 4.72 -1.85
CA ALA A 141 8.96 3.35 -1.90
C ALA A 141 10.21 2.52 -2.11
N LEU A 142 10.39 1.48 -1.34
CA LEU A 142 11.52 0.60 -1.47
C LEU A 142 10.94 -0.75 -1.83
N LEU A 143 11.40 -1.31 -2.95
CA LEU A 143 10.73 -2.46 -3.56
C LEU A 143 11.56 -3.75 -3.46
N SER A 144 10.94 -4.81 -2.94
CA SER A 144 11.44 -6.15 -3.19
C SER A 144 10.32 -6.94 -3.78
N PRO A 145 10.66 -8.08 -4.39
CA PRO A 145 9.62 -8.86 -5.06
C PRO A 145 8.47 -9.30 -4.16
N TYR A 146 8.73 -9.59 -2.88
CA TYR A 146 7.66 -9.97 -1.97
C TYR A 146 7.39 -9.00 -0.83
N SER A 147 7.89 -7.76 -0.93
CA SER A 147 7.83 -6.85 0.21
C SER A 147 7.98 -5.50 -0.39
N TYR A 148 7.38 -4.47 0.27
CA TYR A 148 7.79 -3.13 -0.06
C TYR A 148 7.49 -2.30 1.16
N SER A 149 8.11 -1.14 1.25
CA SER A 149 7.75 -0.20 2.31
C SER A 149 7.58 1.13 1.65
N THR A 150 6.87 2.04 2.29
CA THR A 150 6.65 3.35 1.80
C THR A 150 6.70 4.29 2.97
N THR A 151 7.29 5.47 2.82
CA THR A 151 7.49 6.40 3.91
C THR A 151 7.18 7.72 3.26
N ALA A 152 6.68 8.64 4.07
CA ALA A 152 6.48 10.02 3.63
C ALA A 152 7.25 10.93 4.52
N VAL A 153 7.89 11.92 3.90
CA VAL A 153 8.53 13.05 4.53
C VAL A 153 7.71 14.21 4.09
N VAL A 154 7.33 15.00 5.08
CA VAL A 154 6.38 16.05 4.89
C VAL A 154 7.05 17.25 5.53
N THR A 155 7.32 18.25 4.72
CA THR A 155 8.06 19.41 5.19
C THR A 155 7.23 20.66 4.94
N ASN A 156 7.30 21.60 5.88
CA ASN A 156 6.47 22.78 5.83
C ASN A 156 7.17 23.80 4.97
N PRO A 157 6.62 24.04 3.79
CA PRO A 157 7.10 25.08 2.88
C PRO A 157 5.87 25.79 2.34
N CYS B 42 -5.38 -23.10 7.20
CA CYS B 42 -5.65 -21.64 7.15
C CYS B 42 -4.91 -21.05 5.95
N PRO B 43 -5.63 -20.66 4.88
CA PRO B 43 -4.90 -20.33 3.66
C PRO B 43 -4.44 -18.86 3.53
N LEU B 44 -4.93 -18.00 4.42
CA LEU B 44 -4.67 -16.56 4.39
C LEU B 44 -4.72 -16.03 5.79
N MET B 45 -3.56 -15.53 6.25
CA MET B 45 -3.36 -15.01 7.59
C MET B 45 -2.69 -13.63 7.48
N VAL B 46 -3.08 -12.74 8.37
CA VAL B 46 -2.52 -11.37 8.38
C VAL B 46 -1.94 -11.14 9.76
N LYS B 47 -0.73 -10.57 9.81
CA LYS B 47 -0.06 -10.18 11.06
C LYS B 47 0.37 -8.76 10.96
N VAL B 48 0.01 -7.96 11.98
CA VAL B 48 0.37 -6.53 12.02
C VAL B 48 1.24 -6.22 13.24
N LEU B 49 2.21 -5.30 13.09
CA LEU B 49 3.13 -5.01 14.16
C LEU B 49 3.28 -3.55 14.27
N ASP B 50 3.64 -3.13 15.48
CA ASP B 50 3.68 -1.72 15.88
C ASP B 50 5.17 -1.41 16.15
N ALA B 51 5.77 -0.72 15.19
CA ALA B 51 7.15 -0.27 15.34
C ALA B 51 7.41 0.92 16.28
N VAL B 52 6.38 1.58 16.74
CA VAL B 52 6.55 2.65 17.73
C VAL B 52 6.67 2.05 19.14
N ARG B 53 5.89 1.01 19.39
CA ARG B 53 5.84 0.41 20.72
C ARG B 53 6.51 -0.99 20.85
N GLY B 54 6.99 -1.57 19.76
CA GLY B 54 7.57 -2.93 19.79
C GLY B 54 6.57 -3.96 20.27
N SER B 55 5.36 -3.89 19.72
CA SER B 55 4.28 -4.81 20.14
C SER B 55 3.47 -5.29 18.92
N PRO B 56 2.63 -6.31 19.13
CA PRO B 56 1.61 -6.50 18.12
C PRO B 56 0.68 -5.33 18.08
N ALA B 57 0.21 -5.08 16.88
CA ALA B 57 -0.86 -4.10 16.67
C ALA B 57 -2.19 -4.82 16.88
N ILE B 58 -2.83 -4.49 18.02
CA ILE B 58 -3.96 -5.27 18.54
C ILE B 58 -5.21 -4.52 18.19
N ASN B 59 -6.25 -5.26 17.80
CA ASN B 59 -7.50 -4.60 17.50
C ASN B 59 -7.49 -3.75 16.24
N VAL B 60 -6.69 -4.16 15.27
CA VAL B 60 -6.63 -3.44 14.04
C VAL B 60 -7.62 -4.09 13.05
N ALA B 61 -8.53 -3.28 12.52
CA ALA B 61 -9.58 -3.69 11.65
C ALA B 61 -9.09 -3.73 10.21
N MET B 62 -9.57 -4.71 9.46
CA MET B 62 -9.24 -4.82 8.05
C MET B 62 -10.35 -5.51 7.29
N HIS B 63 -10.55 -5.09 6.06
CA HIS B 63 -11.38 -5.82 5.13
C HIS B 63 -10.61 -6.47 4.00
N VAL B 64 -11.10 -7.60 3.55
CA VAL B 64 -10.50 -8.28 2.38
C VAL B 64 -11.52 -8.24 1.28
N PHE B 65 -11.07 -7.87 0.07
CA PHE B 65 -11.94 -7.81 -1.11
C PHE B 65 -11.41 -8.72 -2.19
N ARG B 66 -12.30 -9.20 -3.03
CA ARG B 66 -11.84 -9.89 -4.23
C ARG B 66 -12.27 -9.10 -5.48
N LYS B 67 -11.36 -8.99 -6.44
CA LYS B 67 -11.70 -8.34 -7.72
C LYS B 67 -12.82 -9.11 -8.47
N ALA B 68 -13.93 -8.43 -8.73
CA ALA B 68 -15.05 -9.02 -9.49
C ALA B 68 -14.89 -8.71 -10.97
N ALA B 69 -15.42 -9.57 -11.85
CA ALA B 69 -15.25 -9.43 -13.32
C ALA B 69 -15.60 -8.05 -13.95
N ASP B 70 -16.46 -7.29 -13.30
CA ASP B 70 -16.69 -5.89 -13.71
C ASP B 70 -15.67 -4.91 -13.14
N ASP B 71 -14.57 -5.46 -12.58
CA ASP B 71 -13.40 -4.67 -12.18
C ASP B 71 -13.64 -3.82 -10.92
N THR B 72 -14.70 -4.10 -10.16
CA THR B 72 -14.88 -3.42 -8.87
C THR B 72 -14.45 -4.40 -7.79
N TRP B 73 -14.44 -3.91 -6.55
CA TRP B 73 -13.92 -4.65 -5.43
C TRP B 73 -15.05 -5.14 -4.57
N GLU B 74 -15.32 -6.43 -4.63
CA GLU B 74 -16.33 -7.02 -3.78
C GLU B 74 -15.78 -7.47 -2.41
N PRO B 75 -16.38 -6.95 -1.32
CA PRO B 75 -16.08 -7.44 0.03
C PRO B 75 -16.10 -8.94 0.06
N PHE B 76 -15.21 -9.55 0.83
CA PHE B 76 -14.99 -11.00 0.85
C PHE B 76 -14.87 -11.52 2.29
N ALA B 77 -14.11 -10.83 3.12
CA ALA B 77 -13.86 -11.26 4.50
C ALA B 77 -13.40 -10.06 5.29
N SER B 78 -13.58 -10.08 6.60
CA SER B 78 -13.02 -8.99 7.43
C SER B 78 -12.80 -9.44 8.86
N GLY B 79 -12.05 -8.64 9.64
CA GLY B 79 -11.86 -8.94 11.07
C GLY B 79 -11.02 -7.86 11.76
N LYS B 80 -10.66 -8.12 13.01
CA LYS B 80 -9.74 -7.32 13.79
C LYS B 80 -8.60 -8.23 14.24
N THR B 81 -7.38 -7.69 14.35
CA THR B 81 -6.28 -8.46 14.95
C THR B 81 -6.49 -8.84 16.41
N SER B 82 -6.12 -10.06 16.75
CA SER B 82 -6.12 -10.51 18.15
C SER B 82 -5.01 -9.84 18.92
N GLU B 83 -4.80 -10.36 20.12
CA GLU B 83 -3.80 -9.83 21.02
C GLU B 83 -2.37 -10.21 20.62
N SER B 84 -2.26 -11.17 19.73
CA SER B 84 -0.95 -11.51 19.20
C SER B 84 -0.70 -10.74 17.87
N GLY B 85 -1.66 -9.86 17.52
CA GLY B 85 -1.59 -9.02 16.33
C GLY B 85 -1.87 -9.80 15.06
N GLU B 86 -2.52 -10.97 15.18
CA GLU B 86 -2.90 -11.83 14.06
C GLU B 86 -4.37 -11.87 13.78
N LEU B 87 -4.68 -12.07 12.51
CA LEU B 87 -6.06 -12.31 12.11
C LEU B 87 -6.09 -13.56 11.27
N HIS B 88 -6.78 -14.58 11.78
CA HIS B 88 -6.89 -15.94 11.17
C HIS B 88 -8.31 -16.14 10.73
N GLY B 89 -8.65 -17.31 10.22
CA GLY B 89 -10.05 -17.64 9.92
C GLY B 89 -10.66 -16.75 8.87
N LEU B 90 -9.86 -16.13 8.00
CA LEU B 90 -10.43 -15.19 7.01
C LEU B 90 -11.19 -15.93 5.95
N THR B 91 -10.67 -17.06 5.48
CA THR B 91 -11.30 -17.79 4.41
C THR B 91 -10.98 -19.28 4.58
N THR B 92 -11.40 -20.14 3.66
CA THR B 92 -11.00 -21.55 3.68
C THR B 92 -10.46 -21.86 2.31
N GLU B 93 -9.86 -23.02 2.16
CA GLU B 93 -9.23 -23.29 0.88
C GLU B 93 -10.15 -23.55 -0.31
N GLU B 94 -11.43 -23.86 -0.07
CA GLU B 94 -12.40 -24.08 -1.16
C GLU B 94 -12.84 -22.75 -1.80
N GLU B 95 -12.95 -21.77 -0.91
CA GLU B 95 -13.53 -20.48 -1.19
C GLU B 95 -12.47 -19.56 -1.71
N PHE B 96 -11.22 -19.89 -1.40
CA PHE B 96 -10.10 -19.02 -1.69
C PHE B 96 -9.50 -19.42 -3.02
N VAL B 97 -10.19 -19.05 -4.09
CA VAL B 97 -9.80 -19.42 -5.43
C VAL B 97 -8.90 -18.33 -5.99
N GLU B 98 -8.26 -18.63 -7.11
CA GLU B 98 -7.46 -17.67 -7.86
C GLU B 98 -8.21 -16.36 -8.08
N GLY B 99 -7.45 -15.28 -8.21
CA GLY B 99 -8.02 -13.96 -8.36
C GLY B 99 -7.19 -12.90 -7.70
N ILE B 100 -7.62 -11.65 -7.84
CA ILE B 100 -6.92 -10.53 -7.27
C ILE B 100 -7.63 -10.15 -6.01
N TYR B 101 -6.84 -10.04 -4.95
CA TYR B 101 -7.34 -9.73 -3.61
C TYR B 101 -6.67 -8.51 -3.08
N LYS B 102 -7.43 -7.75 -2.30
CA LYS B 102 -6.99 -6.51 -1.66
C LYS B 102 -7.29 -6.70 -0.16
N VAL B 103 -6.30 -6.44 0.67
CA VAL B 103 -6.49 -6.39 2.13
C VAL B 103 -6.29 -4.93 2.41
N GLU B 104 -7.27 -4.33 3.07
CA GLU B 104 -7.19 -2.90 3.41
C GLU B 104 -7.20 -2.76 4.90
N ILE B 105 -6.06 -2.35 5.44
CA ILE B 105 -5.83 -2.34 6.86
C ILE B 105 -6.12 -0.95 7.41
N ASP B 106 -7.07 -0.86 8.32
CA ASP B 106 -7.40 0.45 8.86
C ASP B 106 -6.30 0.93 9.83
N THR B 107 -5.16 1.35 9.28
CA THR B 107 -4.03 1.78 10.11
C THR B 107 -4.34 3.16 10.76
N LYS B 108 -5.09 4.00 10.06
CA LYS B 108 -5.37 5.34 10.57
C LYS B 108 -6.18 5.30 11.88
N SER B 109 -7.16 4.40 11.99
CA SER B 109 -7.96 4.28 13.28
C SER B 109 -7.09 3.84 14.44
N TYR B 110 -6.17 2.93 14.15
CA TYR B 110 -5.20 2.41 15.12
C TYR B 110 -4.26 3.52 15.65
N TRP B 111 -3.73 4.38 14.78
CA TRP B 111 -2.88 5.43 15.26
C TRP B 111 -3.70 6.46 16.06
N LYS B 112 -4.93 6.76 15.62
CA LYS B 112 -5.83 7.68 16.32
C LYS B 112 -6.18 7.25 17.78
N ALA B 113 -6.38 5.96 18.00
CA ALA B 113 -6.70 5.42 19.33
C ALA B 113 -5.48 5.52 20.23
N LEU B 114 -4.29 5.54 19.64
CA LEU B 114 -3.06 5.71 20.40
C LEU B 114 -2.69 7.16 20.50
N GLY B 115 -3.39 8.02 19.77
CA GLY B 115 -3.15 9.45 19.92
C GLY B 115 -1.97 10.00 19.15
N ILE B 116 -1.69 9.42 17.99
CA ILE B 116 -0.50 9.78 17.23
C ILE B 116 -0.93 10.04 15.79
N SER B 117 -0.60 11.22 15.27
CA SER B 117 -0.95 11.59 13.88
C SER B 117 -0.30 10.69 12.86
N PRO B 118 -1.12 10.00 12.07
CA PRO B 118 -0.55 9.14 11.04
C PRO B 118 -0.60 9.79 9.68
N PHE B 119 0.18 9.31 8.77
CA PHE B 119 0.14 9.84 7.44
C PHE B 119 -0.89 9.16 6.51
N HIS B 120 -0.91 7.83 6.53
CA HIS B 120 -1.66 7.09 5.52
C HIS B 120 -3.09 6.99 6.00
N GLU B 121 -4.03 7.01 5.05
CA GLU B 121 -5.44 6.67 5.33
C GLU B 121 -5.64 5.20 5.79
N HIS B 122 -4.86 4.28 5.26
CA HIS B 122 -4.96 2.85 5.50
C HIS B 122 -3.76 2.28 4.76
N ALA B 123 -3.45 1.01 4.99
CA ALA B 123 -2.50 0.27 4.16
C ALA B 123 -3.22 -0.78 3.32
N GLU B 124 -2.87 -0.85 2.05
CA GLU B 124 -3.54 -1.72 1.14
C GLU B 124 -2.52 -2.77 0.77
N VAL B 125 -2.95 -4.02 0.62
CA VAL B 125 -2.08 -5.04 0.02
C VAL B 125 -2.88 -5.67 -1.10
N VAL B 126 -2.39 -5.55 -2.34
CA VAL B 126 -3.17 -6.02 -3.48
C VAL B 126 -2.30 -7.04 -4.21
N PHE B 127 -2.84 -8.23 -4.40
CA PHE B 127 -2.02 -9.33 -4.92
C PHE B 127 -2.88 -10.34 -5.67
N THR B 128 -2.24 -11.05 -6.57
CA THR B 128 -2.89 -12.15 -7.26
C THR B 128 -2.67 -13.41 -6.46
N ALA B 129 -3.76 -14.04 -6.04
CA ALA B 129 -3.62 -15.29 -5.32
C ALA B 129 -3.59 -16.47 -6.25
N ASN B 130 -2.72 -17.41 -5.90
CA ASN B 130 -2.80 -18.82 -6.29
C ASN B 130 -2.29 -19.14 -7.67
N ASP B 131 -1.59 -18.14 -8.23
CA ASP B 131 -1.03 -18.12 -9.59
C ASP B 131 -0.95 -19.47 -10.32
N SER B 132 -0.48 -20.50 -9.62
CA SER B 132 -0.74 -21.88 -10.06
C SER B 132 -0.92 -22.82 -8.87
N GLY B 133 -2.15 -22.83 -8.32
CA GLY B 133 -2.49 -23.66 -7.17
C GLY B 133 -2.47 -22.96 -5.81
N PRO B 134 -3.27 -23.45 -4.83
CA PRO B 134 -3.19 -23.04 -3.42
C PRO B 134 -1.82 -23.20 -2.74
N ARG B 135 -1.34 -22.09 -2.19
CA ARG B 135 -0.23 -22.03 -1.25
C ARG B 135 -0.85 -21.36 0.01
N ARG B 136 -0.22 -21.43 1.19
CA ARG B 136 -0.65 -20.59 2.32
C ARG B 136 0.00 -19.19 2.22
N TYR B 137 -0.77 -18.14 2.53
CA TYR B 137 -0.28 -16.78 2.53
C TYR B 137 -0.31 -16.19 3.92
N THR B 138 0.85 -15.66 4.30
CA THR B 138 0.95 -14.81 5.47
C THR B 138 1.36 -13.42 5.04
N ILE B 139 0.53 -12.43 5.39
CA ILE B 139 0.78 -11.03 5.01
C ILE B 139 1.12 -10.39 6.32
N ALA B 140 2.31 -9.77 6.41
CA ALA B 140 2.71 -9.14 7.67
C ALA B 140 2.81 -7.66 7.31
N ALA B 141 2.28 -6.78 8.16
CA ALA B 141 2.44 -5.37 8.00
C ALA B 141 3.13 -4.86 9.26
N LEU B 142 4.11 -3.97 9.06
CA LEU B 142 4.79 -3.31 10.15
C LEU B 142 4.45 -1.84 10.07
N LEU B 143 3.91 -1.25 11.14
CA LEU B 143 3.32 0.05 11.08
C LEU B 143 4.13 1.09 11.82
N SER B 144 4.35 2.23 11.17
CA SER B 144 4.84 3.43 11.85
C SER B 144 3.95 4.58 11.38
N PRO B 145 3.87 5.69 12.14
CA PRO B 145 2.89 6.74 11.83
C PRO B 145 3.05 7.27 10.41
N TYR B 146 4.32 7.37 9.97
CA TYR B 146 4.62 7.85 8.61
C TYR B 146 5.26 6.84 7.67
N SER B 147 5.15 5.57 7.99
CA SER B 147 5.76 4.56 7.20
C SER B 147 5.09 3.25 7.45
N TYR B 148 5.00 2.43 6.43
CA TYR B 148 4.71 1.00 6.73
C TYR B 148 5.39 0.11 5.70
N SER B 149 5.58 -1.16 6.03
CA SER B 149 6.11 -2.17 5.07
C SER B 149 5.19 -3.36 5.12
N THR B 150 5.06 -4.05 4.02
CA THR B 150 4.27 -5.23 4.09
C THR B 150 5.01 -6.32 3.32
N THR B 151 4.88 -7.54 3.79
CA THR B 151 5.67 -8.61 3.23
C THR B 151 4.74 -9.77 3.05
N ALA B 152 5.04 -10.64 2.11
CA ALA B 152 4.24 -11.86 2.04
C ALA B 152 5.17 -13.01 2.23
N VAL B 153 4.71 -13.99 3.00
CA VAL B 153 5.42 -15.24 3.11
C VAL B 153 4.49 -16.27 2.47
N VAL B 154 4.96 -16.87 1.39
CA VAL B 154 4.14 -17.80 0.62
C VAL B 154 4.75 -19.19 0.73
N THR B 155 4.04 -20.09 1.43
CA THR B 155 4.58 -21.43 1.71
C THR B 155 3.72 -22.57 1.15
N ASN B 156 4.23 -23.78 1.33
CA ASN B 156 3.66 -24.95 0.67
C ASN B 156 3.27 -26.04 1.67
#